data_3VUF
#
_entry.id   3VUF
#
_cell.length_a   153.368
_cell.length_b   153.368
_cell.length_c   153.368
_cell.angle_alpha   90.00
_cell.angle_beta   90.00
_cell.angle_gamma   90.00
#
_symmetry.space_group_name_H-M   'P 4 3 2'
#
loop_
_entity.id
_entity.type
_entity.pdbx_description
1 polymer 'Granule-bound starch synthase 1, chloroplastic/amyloplastic'
2 non-polymer "ADENOSINE-5'-DIPHOSPHATE"
3 non-polymer 'SULFATE ION'
4 water water
#
_entity_poly.entity_id   1
_entity_poly.type   'polypeptide(L)'
_entity_poly.pdbx_seq_one_letter_code
;MAHHHHHHHMNVVFVGAEMAPWSKTGGLGDVLGGLPPAMAANGHRVMVISPRYDQYKDAWDTSVVAEIKVADRYERVRFF
HCYKRGVDRVFIDHPSFLEKVWGKTGEKIYGPDTGVDYKDNQMRFSLLCQAALEAPRILNLNNNPYFKGTYGEDVVFVCN
DWHTGPLASYLKNNYQPNGIYRNAKVAFCIHNISYQGRFAFEDYPELNLSERFRSSFDFIDGYDTPVEGRKINWMKAGIL
EADRVLTVSPYYAEELISGIARGCELDNIMRLTGITGIVNGMDVSEWDPSKDKYITAKYDATTAIEAKALNKEALQAEAG
LPVDRKIPLIAFIGRLEEQKGPDVMAAAIPELMQEDVQIVLLGTGKKKFEKLLKSMEEKYPGKVRAVVKFNAPLAHLIMA
GADVLAVPSRFEPCGLIQLQGMRYGTPCACASTGGLVDTVIEGKTGFHMGRLSVDCKVVEPSDVKKVAATLKRAIKVVGT
PAYEEMVRNCMNQDLSWKGPAKNWENVLLGLGVAGSAPGIEGDEIAPLAKENVAAP
;
_entity_poly.pdbx_strand_id   A
#
loop_
_chem_comp.id
_chem_comp.type
_chem_comp.name
_chem_comp.formula
ADP non-polymer ADENOSINE-5'-DIPHOSPHATE 'C10 H15 N5 O10 P2'
SO4 non-polymer 'SULFATE ION' 'O4 S -2'
#
# COMPACT_ATOMS: atom_id res chain seq x y z
N HIS A 8 -13.21 17.80 -17.83
CA HIS A 8 -12.19 18.53 -17.02
C HIS A 8 -12.69 18.90 -15.61
N HIS A 9 -13.89 18.42 -15.23
CA HIS A 9 -14.51 18.75 -13.91
C HIS A 9 -15.30 17.59 -13.25
N MET A 10 -14.67 16.41 -13.19
CA MET A 10 -15.33 15.11 -12.91
C MET A 10 -15.69 14.85 -11.48
N ASN A 11 -16.65 13.96 -11.28
CA ASN A 11 -17.01 13.50 -9.95
C ASN A 11 -16.30 12.18 -9.75
N VAL A 12 -15.55 12.06 -8.66
CA VAL A 12 -14.78 10.86 -8.44
C VAL A 12 -15.10 10.18 -7.12
N VAL A 13 -15.47 8.89 -7.23
CA VAL A 13 -15.80 8.12 -6.05
C VAL A 13 -14.84 6.97 -5.86
N PHE A 14 -14.20 7.00 -4.70
CA PHE A 14 -13.15 6.08 -4.33
C PHE A 14 -13.79 5.15 -3.34
N VAL A 15 -13.60 3.85 -3.57
CA VAL A 15 -14.06 2.82 -2.67
C VAL A 15 -12.91 1.89 -2.26
N GLY A 16 -12.94 1.39 -1.03
CA GLY A 16 -11.88 0.54 -0.51
C GLY A 16 -12.09 0.13 0.93
N ALA A 17 -11.54 -1.02 1.32
CA ALA A 17 -11.65 -1.56 2.68
C ALA A 17 -10.98 -0.67 3.74
N GLU A 18 -9.75 -0.24 3.47
CA GLU A 18 -9.00 0.58 4.41
C GLU A 18 -9.05 2.00 3.99
N MET A 19 -8.98 2.93 4.94
CA MET A 19 -8.96 4.36 4.63
C MET A 19 -8.34 5.19 5.74
N ALA A 20 -7.16 5.74 5.45
CA ALA A 20 -6.37 6.57 6.39
C ALA A 20 -7.05 7.92 6.62
N PRO A 21 -6.95 8.47 7.86
CA PRO A 21 -6.25 7.94 9.05
C PRO A 21 -6.97 6.80 9.79
N TRP A 22 -8.29 6.76 9.69
CA TRP A 22 -9.12 5.83 10.47
C TRP A 22 -8.71 4.36 10.41
N SER A 23 -8.96 3.70 9.28
CA SER A 23 -8.61 2.27 9.12
C SER A 23 -7.40 2.10 8.20
N LYS A 24 -6.23 1.98 8.81
CA LYS A 24 -4.97 1.80 8.08
C LYS A 24 -4.08 0.72 8.72
N THR A 25 -3.42 -0.05 7.85
CA THR A 25 -2.29 -0.93 8.23
C THR A 25 -1.22 -0.86 7.12
N GLY A 26 -1.57 -1.41 5.95
CA GLY A 26 -0.73 -1.33 4.75
C GLY A 26 -1.02 -0.08 3.94
N GLY A 27 -0.18 0.14 2.94
CA GLY A 27 -0.32 1.29 2.01
C GLY A 27 -1.57 1.31 1.13
N LEU A 28 -2.61 0.58 1.53
CA LEU A 28 -3.93 0.72 0.94
C LEU A 28 -4.58 1.91 1.66
N GLY A 29 -4.35 1.97 2.97
CA GLY A 29 -4.72 3.11 3.81
C GLY A 29 -4.19 4.43 3.27
N ASP A 30 -2.86 4.61 3.26
CA ASP A 30 -2.26 5.88 2.83
C ASP A 30 -2.82 6.34 1.50
N VAL A 31 -2.96 5.42 0.57
CA VAL A 31 -3.44 5.80 -0.77
C VAL A 31 -4.79 6.46 -0.72
N LEU A 32 -5.72 5.86 0.03
CA LEU A 32 -7.07 6.43 0.19
C LEU A 32 -7.14 7.69 1.06
N GLY A 33 -6.09 7.96 1.83
CA GLY A 33 -6.04 9.15 2.67
C GLY A 33 -5.49 10.38 1.96
N GLY A 34 -4.60 10.16 0.99
CA GLY A 34 -3.79 11.23 0.43
C GLY A 34 -4.16 11.61 -0.97
N LEU A 35 -4.38 10.63 -1.83
CA LEU A 35 -4.81 10.89 -3.21
C LEU A 35 -6.14 11.64 -3.32
N PRO A 36 -7.16 11.21 -2.54
CA PRO A 36 -8.40 11.93 -2.67
C PRO A 36 -8.27 13.46 -2.52
N PRO A 37 -7.77 13.98 -1.37
CA PRO A 37 -7.78 15.45 -1.24
C PRO A 37 -6.97 16.18 -2.29
N ALA A 38 -5.85 15.57 -2.70
CA ALA A 38 -4.96 16.11 -3.73
C ALA A 38 -5.73 16.24 -5.02
N MET A 39 -6.73 15.39 -5.18
CA MET A 39 -7.53 15.33 -6.38
C MET A 39 -8.64 16.38 -6.23
N ALA A 40 -9.15 16.48 -5.01
CA ALA A 40 -10.11 17.51 -4.68
C ALA A 40 -9.52 18.93 -4.96
N ALA A 41 -8.35 19.20 -4.37
CA ALA A 41 -7.63 20.46 -4.59
C ALA A 41 -7.39 20.81 -6.08
N ASN A 42 -7.68 19.86 -6.97
CA ASN A 42 -7.63 20.11 -8.41
C ASN A 42 -9.00 20.46 -8.97
N GLY A 43 -9.96 20.75 -8.07
CA GLY A 43 -11.31 21.16 -8.46
C GLY A 43 -12.20 20.05 -9.01
N HIS A 44 -12.46 19.06 -8.15
CA HIS A 44 -13.20 17.87 -8.53
C HIS A 44 -14.04 17.55 -7.34
N ARG A 45 -15.17 16.88 -7.58
CA ARG A 45 -16.02 16.43 -6.50
C ARG A 45 -15.54 15.04 -6.15
N VAL A 46 -15.02 14.90 -4.95
CA VAL A 46 -14.26 13.71 -4.63
C VAL A 46 -14.80 13.10 -3.36
N MET A 47 -15.09 11.82 -3.45
CA MET A 47 -15.72 11.10 -2.37
C MET A 47 -14.99 9.81 -2.02
N VAL A 48 -15.05 9.43 -0.76
CA VAL A 48 -14.41 8.20 -0.33
C VAL A 48 -15.32 7.39 0.56
N ILE A 49 -15.81 6.31 -0.02
CA ILE A 49 -16.62 5.34 0.68
C ILE A 49 -15.75 4.22 1.18
N SER A 50 -15.88 3.91 2.46
CA SER A 50 -15.23 2.75 3.02
C SER A 50 -16.00 2.40 4.28
N PRO A 51 -15.77 1.21 4.86
CA PRO A 51 -16.54 0.77 6.01
C PRO A 51 -16.27 1.58 7.26
N ARG A 52 -17.16 1.53 8.23
CA ARG A 52 -16.90 2.16 9.51
C ARG A 52 -16.55 1.10 10.53
N TYR A 53 -15.28 1.04 10.92
CA TYR A 53 -14.78 -0.04 11.77
C TYR A 53 -14.94 0.25 13.25
N ASP A 54 -14.92 1.54 13.57
CA ASP A 54 -15.12 1.99 14.94
C ASP A 54 -15.87 3.30 14.99
N GLN A 55 -16.34 3.66 16.19
CA GLN A 55 -17.16 4.87 16.40
C GLN A 55 -16.38 6.19 16.24
N TYR A 56 -16.00 6.50 15.00
CA TYR A 56 -15.08 7.61 14.68
C TYR A 56 -15.63 8.97 15.10
N LYS A 57 -14.75 9.80 15.66
CA LYS A 57 -15.12 11.08 16.32
C LYS A 57 -15.80 12.14 15.42
N ASP A 58 -15.12 12.62 14.38
CA ASP A 58 -15.76 13.55 13.43
C ASP A 58 -16.68 12.84 12.41
N ALA A 59 -17.39 11.82 12.88
CA ALA A 59 -18.21 10.98 12.01
C ALA A 59 -19.70 11.07 12.31
N TRP A 60 -20.36 12.08 11.69
CA TRP A 60 -21.76 12.45 11.97
C TRP A 60 -22.77 11.69 11.10
N ASP A 61 -23.57 10.82 11.72
CA ASP A 61 -24.63 10.06 11.02
C ASP A 61 -25.49 11.02 10.21
N THR A 62 -25.57 10.80 8.90
CA THR A 62 -26.38 11.66 8.03
C THR A 62 -27.74 11.05 7.85
N SER A 63 -28.05 10.10 8.75
CA SER A 63 -29.35 9.44 8.88
C SER A 63 -29.72 8.51 7.73
N VAL A 64 -29.37 8.89 6.50
CA VAL A 64 -29.76 8.12 5.31
C VAL A 64 -29.38 6.64 5.52
N VAL A 65 -30.30 5.75 5.13
CA VAL A 65 -30.07 4.29 5.17
C VAL A 65 -30.56 3.63 3.87
N ALA A 66 -29.73 2.74 3.32
CA ALA A 66 -30.20 1.84 2.26
C ALA A 66 -30.39 0.45 2.84
N GLU A 67 -31.26 -0.34 2.20
CA GLU A 67 -31.33 -1.75 2.52
C GLU A 67 -30.68 -2.46 1.36
N ILE A 68 -29.87 -3.45 1.72
CA ILE A 68 -28.94 -4.08 0.78
C ILE A 68 -29.15 -5.61 0.78
N LYS A 69 -29.28 -6.18 -0.42
CA LYS A 69 -29.56 -7.62 -0.59
C LYS A 69 -28.30 -8.49 -0.58
N VAL A 70 -28.06 -9.15 0.56
CA VAL A 70 -26.87 -9.98 0.79
C VAL A 70 -27.25 -11.44 1.10
N ALA A 71 -26.72 -12.36 0.30
CA ALA A 71 -27.10 -13.78 0.32
C ALA A 71 -28.63 -13.87 0.28
N ASP A 72 -29.26 -14.09 1.45
CA ASP A 72 -30.72 -14.03 1.61
C ASP A 72 -31.12 -12.76 2.37
N ARG A 73 -30.64 -12.64 3.60
CA ARG A 73 -30.98 -11.56 4.55
C ARG A 73 -30.90 -10.18 3.90
N TYR A 74 -31.91 -9.36 4.13
CA TYR A 74 -31.92 -8.00 3.60
C TYR A 74 -31.34 -7.06 4.64
N GLU A 75 -30.18 -6.47 4.33
CA GLU A 75 -29.41 -5.77 5.35
C GLU A 75 -29.41 -4.24 5.26
N ARG A 76 -29.64 -3.59 6.39
CA ARG A 76 -29.69 -2.14 6.44
C ARG A 76 -28.42 -1.53 6.98
N VAL A 77 -27.91 -0.57 6.24
CA VAL A 77 -26.64 0.10 6.54
C VAL A 77 -26.88 1.56 6.96
N ARG A 78 -26.11 2.04 7.94
CA ARG A 78 -26.08 3.48 8.23
C ARG A 78 -24.96 4.20 7.47
N PHE A 79 -25.22 5.43 7.08
CA PHE A 79 -24.23 6.26 6.38
C PHE A 79 -23.79 7.40 7.27
N PHE A 80 -22.66 7.20 7.96
CA PHE A 80 -21.98 8.27 8.68
C PHE A 80 -21.23 9.14 7.67
N HIS A 81 -20.96 10.40 8.00
CA HIS A 81 -20.20 11.32 7.13
C HIS A 81 -19.17 12.11 7.94
N CYS A 82 -18.17 12.63 7.25
CA CYS A 82 -17.24 13.62 7.76
C CYS A 82 -16.71 14.28 6.50
N TYR A 83 -16.75 15.61 6.44
CA TYR A 83 -16.30 16.26 5.23
C TYR A 83 -15.01 17.03 5.47
N LYS A 84 -13.90 16.50 4.96
CA LYS A 84 -12.58 17.07 5.19
C LYS A 84 -11.90 17.40 3.87
N ARG A 85 -10.89 18.27 3.99
CA ARG A 85 -9.93 18.61 2.93
C ARG A 85 -10.45 18.64 1.47
N GLY A 86 -11.70 19.07 1.31
CA GLY A 86 -12.31 19.24 0.00
C GLY A 86 -12.89 17.92 -0.45
N VAL A 87 -13.02 16.99 0.50
CA VAL A 87 -13.28 15.57 0.20
C VAL A 87 -14.40 14.88 1.03
N ASP A 88 -15.40 14.36 0.31
CA ASP A 88 -16.57 13.74 0.89
C ASP A 88 -16.29 12.36 1.50
N ARG A 89 -15.94 12.34 2.78
CA ARG A 89 -15.58 11.07 3.40
C ARG A 89 -16.77 10.33 4.02
N VAL A 90 -17.20 9.28 3.32
CA VAL A 90 -18.39 8.49 3.66
C VAL A 90 -18.07 7.14 4.28
N PHE A 91 -18.79 6.80 5.35
CA PHE A 91 -18.50 5.59 6.09
C PHE A 91 -19.71 4.69 6.18
N ILE A 92 -19.55 3.44 5.75
CA ILE A 92 -20.63 2.48 5.74
C ILE A 92 -20.72 1.77 7.07
N ASP A 93 -21.82 2.00 7.77
CA ASP A 93 -22.03 1.47 9.12
C ASP A 93 -22.76 0.13 9.09
N HIS A 94 -22.34 -0.80 9.94
CA HIS A 94 -23.00 -2.10 10.11
C HIS A 94 -22.22 -2.99 11.08
N PRO A 95 -22.95 -3.79 11.90
CA PRO A 95 -22.33 -4.61 12.95
C PRO A 95 -21.32 -5.67 12.51
N SER A 96 -21.31 -6.03 11.22
CA SER A 96 -20.27 -6.90 10.67
C SER A 96 -18.93 -6.24 10.80
N PHE A 97 -18.92 -4.91 10.65
CA PHE A 97 -17.70 -4.11 10.70
C PHE A 97 -17.03 -3.88 12.08
N LEU A 98 -17.11 -4.89 12.95
CA LEU A 98 -16.64 -4.76 14.34
C LEU A 98 -16.41 -6.16 14.92
N GLU A 99 -15.19 -6.66 14.79
CA GLU A 99 -14.93 -8.08 15.09
C GLU A 99 -13.62 -8.37 15.84
N LYS A 100 -13.64 -8.19 17.17
CA LYS A 100 -12.46 -8.35 18.08
C LYS A 100 -11.06 -8.13 17.41
N LYS A 119 -14.53 -15.29 7.72
CA LYS A 119 -15.64 -16.19 7.45
C LYS A 119 -16.71 -15.45 6.65
N ASP A 120 -17.60 -14.76 7.39
CA ASP A 120 -18.63 -13.86 6.86
C ASP A 120 -17.98 -12.65 6.21
N ASN A 121 -17.03 -12.94 5.33
CA ASN A 121 -16.14 -11.94 4.82
C ASN A 121 -16.70 -11.34 3.56
N GLN A 122 -17.30 -12.20 2.74
CA GLN A 122 -17.93 -11.78 1.51
C GLN A 122 -19.10 -10.87 1.79
N MET A 123 -19.86 -11.23 2.81
CA MET A 123 -20.99 -10.46 3.23
C MET A 123 -20.60 -8.98 3.32
N ARG A 124 -19.64 -8.69 4.19
CA ARG A 124 -19.30 -7.32 4.54
C ARG A 124 -18.98 -6.54 3.29
N PHE A 125 -18.24 -7.15 2.40
CA PHE A 125 -17.74 -6.39 1.27
C PHE A 125 -18.67 -6.44 0.10
N SER A 126 -19.59 -7.40 0.14
CA SER A 126 -20.74 -7.30 -0.72
C SER A 126 -21.50 -6.05 -0.32
N LEU A 127 -21.75 -5.94 0.99
CA LEU A 127 -22.31 -4.73 1.58
C LEU A 127 -21.62 -3.51 0.97
N LEU A 128 -20.33 -3.41 1.26
CA LEU A 128 -19.51 -2.29 0.82
C LEU A 128 -19.77 -1.95 -0.65
N CYS A 129 -19.46 -2.85 -1.57
CA CYS A 129 -19.59 -2.50 -2.99
C CYS A 129 -20.98 -1.98 -3.26
N GLN A 130 -21.99 -2.58 -2.61
CA GLN A 130 -23.40 -2.21 -2.88
C GLN A 130 -23.76 -0.81 -2.36
N ALA A 131 -23.59 -0.66 -1.06
CA ALA A 131 -23.70 0.65 -0.41
C ALA A 131 -22.98 1.73 -1.22
N ALA A 132 -21.80 1.43 -1.74
CA ALA A 132 -21.05 2.40 -2.51
C ALA A 132 -21.73 2.73 -3.83
N LEU A 133 -22.73 1.94 -4.20
CA LEU A 133 -23.43 2.23 -5.41
C LEU A 133 -24.63 3.09 -5.09
N GLU A 134 -24.93 3.14 -3.80
CA GLU A 134 -26.06 3.92 -3.32
C GLU A 134 -25.72 5.36 -2.96
N ALA A 135 -24.64 5.54 -2.21
CA ALA A 135 -24.25 6.84 -1.73
C ALA A 135 -24.12 7.96 -2.81
N PRO A 136 -23.78 7.59 -4.08
CA PRO A 136 -23.75 8.59 -5.17
C PRO A 136 -25.10 9.22 -5.55
N ARG A 137 -26.16 8.45 -5.42
CA ARG A 137 -27.49 8.93 -5.72
C ARG A 137 -28.21 9.46 -4.47
N ILE A 138 -28.57 8.56 -3.56
CA ILE A 138 -29.43 8.87 -2.40
C ILE A 138 -28.81 9.76 -1.30
N LEU A 139 -27.77 10.52 -1.63
CA LEU A 139 -27.23 11.41 -0.63
C LEU A 139 -27.13 12.84 -1.12
N ASN A 140 -27.77 13.71 -0.35
CA ASN A 140 -27.73 15.11 -0.65
C ASN A 140 -26.73 15.76 0.28
N LEU A 141 -25.83 16.51 -0.32
CA LEU A 141 -24.59 16.88 0.31
C LEU A 141 -24.06 18.13 -0.38
N ASN A 142 -24.32 19.28 0.24
CA ASN A 142 -24.03 20.58 -0.37
C ASN A 142 -22.87 21.27 0.33
N ASN A 143 -22.24 20.54 1.25
CA ASN A 143 -21.04 21.01 1.94
C ASN A 143 -20.02 21.72 1.05
N ASN A 144 -19.87 21.27 -0.20
CA ASN A 144 -18.85 21.82 -1.13
C ASN A 144 -19.24 23.15 -1.76
N PRO A 145 -18.48 24.21 -1.42
CA PRO A 145 -18.62 25.57 -1.96
C PRO A 145 -18.73 25.71 -3.50
N TYR A 146 -18.38 24.69 -4.26
CA TYR A 146 -18.41 24.81 -5.72
C TYR A 146 -19.39 23.85 -6.40
N PHE A 147 -20.02 22.99 -5.61
CA PHE A 147 -20.85 21.92 -6.15
C PHE A 147 -21.97 21.63 -5.19
N LYS A 148 -23.18 21.56 -5.73
CA LYS A 148 -24.34 21.31 -4.90
C LYS A 148 -25.15 20.09 -5.32
N GLY A 149 -25.94 19.59 -4.36
CA GLY A 149 -26.97 18.61 -4.61
C GLY A 149 -26.50 17.20 -4.43
N THR A 150 -26.92 16.35 -5.37
CA THR A 150 -26.57 14.94 -5.37
C THR A 150 -25.36 14.76 -6.27
N TYR A 151 -24.48 13.85 -5.87
CA TYR A 151 -23.27 13.57 -6.64
C TYR A 151 -23.62 13.28 -8.09
N GLY A 152 -24.69 12.52 -8.30
CA GLY A 152 -25.16 12.24 -9.64
C GLY A 152 -25.12 10.77 -10.00
N GLU A 153 -25.08 10.54 -11.30
CA GLU A 153 -25.02 9.20 -11.92
C GLU A 153 -24.09 9.34 -13.11
N ASP A 154 -23.17 10.28 -13.01
CA ASP A 154 -22.21 10.52 -14.06
C ASP A 154 -20.78 10.40 -13.52
N VAL A 155 -20.52 9.28 -12.85
CA VAL A 155 -19.38 9.13 -11.96
C VAL A 155 -18.20 8.42 -12.58
N VAL A 156 -17.05 8.55 -11.92
CA VAL A 156 -15.94 7.68 -12.16
C VAL A 156 -15.68 6.99 -10.84
N PHE A 157 -15.81 5.68 -10.87
CA PHE A 157 -15.51 4.90 -9.71
C PHE A 157 -14.06 4.41 -9.77
N VAL A 158 -13.42 4.42 -8.61
CA VAL A 158 -12.10 3.87 -8.47
C VAL A 158 -12.18 2.84 -7.37
N CYS A 159 -11.92 1.61 -7.76
CA CYS A 159 -12.01 0.50 -6.87
C CYS A 159 -10.62 0.06 -6.51
N ASN A 160 -10.44 -0.22 -5.24
CA ASN A 160 -9.13 -0.48 -4.69
C ASN A 160 -9.07 -1.83 -4.05
N ASP A 161 -8.05 -2.58 -4.47
CA ASP A 161 -7.83 -3.93 -4.01
C ASP A 161 -9.05 -4.82 -4.21
N TRP A 162 -8.93 -6.06 -3.78
CA TRP A 162 -9.88 -7.07 -4.15
C TRP A 162 -11.22 -6.83 -3.52
N HIS A 163 -11.20 -6.19 -2.37
CA HIS A 163 -12.42 -5.95 -1.63
C HIS A 163 -13.48 -5.24 -2.44
N THR A 164 -13.09 -4.56 -3.50
CA THR A 164 -14.05 -3.76 -4.27
C THR A 164 -14.34 -4.35 -5.65
N GLY A 165 -13.77 -5.54 -5.86
CA GLY A 165 -13.78 -6.20 -7.15
C GLY A 165 -15.18 -6.15 -7.74
N PRO A 166 -16.12 -6.79 -7.05
CA PRO A 166 -17.45 -6.98 -7.54
C PRO A 166 -18.19 -5.71 -7.89
N LEU A 167 -17.90 -4.58 -7.22
CA LEU A 167 -18.59 -3.32 -7.60
C LEU A 167 -18.83 -3.18 -9.13
N ALA A 168 -17.78 -3.26 -9.95
CA ALA A 168 -17.95 -3.11 -11.40
C ALA A 168 -19.09 -3.99 -11.85
N SER A 169 -18.99 -5.26 -11.46
CA SER A 169 -20.03 -6.25 -11.71
C SER A 169 -21.38 -5.81 -11.22
N TYR A 170 -21.57 -5.69 -9.91
CA TYR A 170 -22.84 -5.20 -9.34
C TYR A 170 -23.49 -4.02 -10.11
N LEU A 171 -22.68 -3.18 -10.70
CA LEU A 171 -23.19 -2.02 -11.40
C LEU A 171 -23.84 -2.43 -12.70
N LYS A 172 -23.28 -3.45 -13.35
CA LYS A 172 -23.77 -3.88 -14.64
C LYS A 172 -24.98 -4.77 -14.42
N ASN A 173 -24.99 -5.42 -13.25
CA ASN A 173 -26.08 -6.29 -12.86
C ASN A 173 -27.35 -5.49 -12.64
N ASN A 174 -27.28 -4.54 -11.71
CA ASN A 174 -28.46 -3.92 -11.14
C ASN A 174 -28.80 -2.52 -11.63
N TYR A 175 -27.86 -1.87 -12.32
CA TYR A 175 -28.05 -0.47 -12.73
C TYR A 175 -28.07 -0.28 -14.26
N GLN A 176 -26.95 -0.45 -14.94
CA GLN A 176 -26.86 -0.25 -16.41
C GLN A 176 -27.96 -0.89 -17.29
N PRO A 177 -28.54 -2.03 -16.88
CA PRO A 177 -29.64 -2.57 -17.71
C PRO A 177 -30.86 -1.62 -17.77
N ASN A 178 -31.21 -1.03 -16.63
CA ASN A 178 -32.38 -0.15 -16.55
C ASN A 178 -32.05 1.30 -16.12
N GLY A 179 -31.28 2.01 -16.97
CA GLY A 179 -31.12 3.48 -16.92
C GLY A 179 -30.33 4.22 -15.85
N ILE A 180 -29.71 3.52 -14.92
CA ILE A 180 -28.96 4.14 -13.83
C ILE A 180 -27.45 4.07 -14.10
N TYR A 181 -26.76 5.20 -13.96
CA TYR A 181 -25.32 5.37 -14.27
C TYR A 181 -24.98 5.31 -15.76
N ARG A 182 -25.24 4.17 -16.39
CA ARG A 182 -25.10 4.00 -17.84
C ARG A 182 -23.76 4.49 -18.48
N ASN A 183 -23.58 5.79 -18.69
CA ASN A 183 -22.32 6.29 -19.29
C ASN A 183 -21.14 6.51 -18.31
N ALA A 184 -21.36 6.19 -17.03
CA ALA A 184 -20.34 6.11 -15.96
C ALA A 184 -19.31 5.03 -16.25
N LYS A 185 -18.14 5.11 -15.61
CA LYS A 185 -17.10 4.08 -15.79
C LYS A 185 -16.46 3.67 -14.45
N VAL A 186 -15.72 2.56 -14.47
CA VAL A 186 -15.01 2.08 -13.28
C VAL A 186 -13.59 1.68 -13.58
N ALA A 187 -12.67 2.20 -12.76
CA ALA A 187 -11.26 1.79 -12.77
C ALA A 187 -10.93 0.95 -11.56
N PHE A 188 -10.25 -0.17 -11.79
CA PHE A 188 -9.81 -1.05 -10.72
C PHE A 188 -8.33 -0.91 -10.40
N CYS A 189 -8.03 -0.62 -9.15
CA CYS A 189 -6.67 -0.42 -8.76
C CYS A 189 -6.12 -1.60 -8.03
N ILE A 190 -4.97 -2.05 -8.52
CA ILE A 190 -4.30 -3.19 -7.94
C ILE A 190 -3.18 -2.75 -6.99
N HIS A 191 -3.49 -2.78 -5.71
CA HIS A 191 -2.56 -2.41 -4.69
C HIS A 191 -1.59 -3.55 -4.40
N ASN A 192 -2.09 -4.72 -4.07
CA ASN A 192 -1.18 -5.86 -4.02
C ASN A 192 -1.76 -7.12 -4.58
N ILE A 193 -1.17 -7.59 -5.67
CA ILE A 193 -1.66 -8.82 -6.28
C ILE A 193 -1.54 -10.04 -5.35
N SER A 194 -0.86 -9.92 -4.23
CA SER A 194 -0.78 -11.06 -3.33
C SER A 194 -2.14 -11.51 -2.78
N TYR A 195 -3.11 -10.59 -2.67
CA TYR A 195 -4.38 -10.93 -2.07
C TYR A 195 -5.52 -10.72 -3.02
N GLN A 196 -6.15 -11.82 -3.40
CA GLN A 196 -7.08 -11.78 -4.51
C GLN A 196 -8.55 -11.97 -4.14
N GLY A 197 -8.80 -12.35 -2.89
CA GLY A 197 -10.15 -12.64 -2.47
C GLY A 197 -10.59 -13.92 -3.16
N ARG A 198 -10.01 -15.03 -2.70
CA ARG A 198 -10.19 -16.33 -3.30
C ARG A 198 -11.13 -17.18 -2.45
N PHE A 199 -12.31 -17.47 -2.99
CA PHE A 199 -13.35 -18.16 -2.23
C PHE A 199 -13.95 -19.39 -2.93
N ALA A 200 -14.52 -20.30 -2.14
CA ALA A 200 -15.28 -21.39 -2.73
C ALA A 200 -16.25 -20.93 -3.83
N PHE A 201 -16.17 -21.66 -4.93
CA PHE A 201 -17.04 -21.48 -6.05
C PHE A 201 -18.53 -21.74 -5.70
N GLU A 202 -18.78 -22.59 -4.71
CA GLU A 202 -20.13 -22.84 -4.19
C GLU A 202 -20.74 -21.60 -3.54
N ASP A 203 -19.89 -20.68 -3.08
CA ASP A 203 -20.37 -19.47 -2.40
C ASP A 203 -20.80 -18.41 -3.40
N TYR A 204 -20.62 -18.69 -4.70
CA TYR A 204 -20.94 -17.68 -5.71
C TYR A 204 -22.34 -17.08 -5.50
N PRO A 205 -23.39 -17.87 -5.71
CA PRO A 205 -24.73 -17.25 -5.72
C PRO A 205 -24.97 -16.26 -4.57
N GLU A 206 -24.35 -16.50 -3.41
CA GLU A 206 -24.50 -15.60 -2.28
C GLU A 206 -24.02 -14.19 -2.56
N LEU A 207 -23.78 -13.88 -3.83
CA LEU A 207 -23.42 -12.52 -4.21
C LEU A 207 -24.54 -11.87 -4.97
N ASN A 208 -25.69 -12.54 -5.01
CA ASN A 208 -26.82 -12.06 -5.81
C ASN A 208 -26.35 -11.39 -7.10
N LEU A 209 -25.35 -11.95 -7.75
CA LEU A 209 -25.04 -11.59 -9.13
C LEU A 209 -25.41 -12.73 -10.07
N SER A 210 -25.78 -12.39 -11.30
CA SER A 210 -26.27 -13.39 -12.22
C SER A 210 -25.11 -14.15 -12.87
N GLU A 211 -25.43 -15.30 -13.48
CA GLU A 211 -24.43 -16.20 -14.09
C GLU A 211 -23.54 -15.60 -15.16
N ARG A 212 -24.05 -14.61 -15.89
CA ARG A 212 -23.29 -13.98 -16.95
C ARG A 212 -21.92 -13.55 -16.37
N PHE A 213 -21.95 -12.95 -15.20
CA PHE A 213 -20.75 -12.46 -14.56
C PHE A 213 -19.93 -13.57 -13.90
N ARG A 214 -20.58 -14.68 -13.55
CA ARG A 214 -19.88 -15.80 -12.95
C ARG A 214 -18.55 -16.08 -13.61
N SER A 215 -18.54 -16.14 -14.93
CA SER A 215 -17.33 -16.55 -15.63
C SER A 215 -16.13 -15.66 -15.29
N SER A 216 -16.39 -14.39 -14.97
CA SER A 216 -15.33 -13.44 -14.64
C SER A 216 -14.68 -13.73 -13.29
N PHE A 217 -15.45 -14.29 -12.38
CA PHE A 217 -14.98 -14.67 -11.08
C PHE A 217 -14.26 -16.00 -11.13
N ASP A 218 -14.60 -16.83 -12.11
CA ASP A 218 -14.13 -18.24 -12.15
C ASP A 218 -12.61 -18.37 -12.13
N PHE A 219 -12.10 -19.17 -11.19
CA PHE A 219 -10.65 -19.29 -11.01
C PHE A 219 -10.15 -20.68 -10.72
N ILE A 220 -9.09 -21.05 -11.41
CA ILE A 220 -8.42 -22.31 -11.19
C ILE A 220 -7.25 -21.97 -10.31
N ASP A 221 -7.39 -22.21 -9.02
CA ASP A 221 -6.37 -21.79 -8.09
C ASP A 221 -5.30 -22.85 -7.97
N GLY A 222 -4.06 -22.39 -7.81
CA GLY A 222 -2.98 -23.28 -7.42
C GLY A 222 -2.97 -24.55 -8.24
N TYR A 223 -2.95 -24.36 -9.55
CA TYR A 223 -3.02 -25.44 -10.50
C TYR A 223 -1.85 -26.41 -10.37
N ASP A 224 -2.10 -27.67 -10.71
CA ASP A 224 -1.10 -28.75 -10.69
C ASP A 224 -0.64 -29.16 -9.30
N THR A 225 -0.37 -28.20 -8.43
CA THR A 225 -0.09 -28.49 -7.02
C THR A 225 -1.24 -29.34 -6.46
N PRO A 226 -0.93 -30.33 -5.59
CA PRO A 226 -1.92 -31.17 -4.88
C PRO A 226 -3.05 -30.42 -4.16
N VAL A 227 -3.04 -29.09 -4.22
CA VAL A 227 -4.09 -28.29 -3.58
C VAL A 227 -5.01 -27.52 -4.54
N GLU A 228 -4.71 -27.61 -5.84
CA GLU A 228 -5.55 -27.07 -6.88
C GLU A 228 -7.05 -27.21 -6.63
N GLY A 229 -7.82 -26.16 -6.92
CA GLY A 229 -9.26 -26.25 -6.78
C GLY A 229 -9.94 -25.09 -7.47
N ARG A 230 -11.10 -25.34 -8.08
CA ARG A 230 -11.94 -24.27 -8.60
C ARG A 230 -12.19 -23.29 -7.50
N LYS A 231 -12.27 -22.01 -7.86
CA LYS A 231 -12.34 -20.96 -6.87
C LYS A 231 -12.99 -19.73 -7.45
N ILE A 232 -13.48 -18.88 -6.54
CA ILE A 232 -14.04 -17.59 -6.91
C ILE A 232 -13.01 -16.50 -6.58
N ASN A 233 -12.78 -15.60 -7.53
CA ASN A 233 -11.68 -14.67 -7.33
C ASN A 233 -12.05 -13.20 -7.55
N TRP A 234 -12.20 -12.50 -6.42
CA TRP A 234 -12.69 -11.13 -6.41
C TRP A 234 -11.85 -10.19 -7.21
N MET A 235 -10.55 -10.28 -7.01
CA MET A 235 -9.68 -9.46 -7.80
C MET A 235 -9.88 -9.75 -9.28
N LYS A 236 -10.00 -11.03 -9.62
CA LYS A 236 -10.13 -11.40 -11.02
C LYS A 236 -11.31 -10.64 -11.62
N ALA A 237 -12.41 -10.74 -10.90
CA ALA A 237 -13.67 -10.13 -11.27
C ALA A 237 -13.48 -8.63 -11.42
N GLY A 238 -13.01 -8.04 -10.34
CA GLY A 238 -12.57 -6.65 -10.33
C GLY A 238 -11.82 -6.36 -11.60
N ILE A 239 -10.72 -7.04 -11.85
CA ILE A 239 -9.89 -6.72 -13.01
C ILE A 239 -10.66 -6.82 -14.30
N LEU A 240 -11.29 -7.96 -14.51
CA LEU A 240 -11.89 -8.23 -15.80
C LEU A 240 -13.08 -7.32 -16.19
N GLU A 241 -13.88 -6.92 -15.21
CA GLU A 241 -15.11 -6.21 -15.49
C GLU A 241 -14.94 -4.70 -15.70
N ALA A 242 -13.91 -4.13 -15.05
CA ALA A 242 -13.66 -2.70 -15.07
C ALA A 242 -13.23 -2.12 -16.42
N ASP A 243 -13.61 -0.86 -16.62
CA ASP A 243 -13.29 -0.14 -17.82
C ASP A 243 -11.79 0.17 -17.97
N ARG A 244 -11.13 0.46 -16.85
CA ARG A 244 -9.69 0.71 -16.85
C ARG A 244 -9.05 0.04 -15.64
N VAL A 245 -7.88 -0.58 -15.83
CA VAL A 245 -7.18 -1.19 -14.70
C VAL A 245 -5.90 -0.44 -14.39
N LEU A 246 -5.54 -0.39 -13.10
CA LEU A 246 -4.38 0.38 -12.65
C LEU A 246 -3.65 -0.30 -11.55
N THR A 247 -2.36 0.01 -11.46
CA THR A 247 -1.56 -0.35 -10.30
C THR A 247 -0.62 0.79 -9.81
N VAL A 248 0.14 0.54 -8.74
CA VAL A 248 0.75 1.65 -8.05
C VAL A 248 2.20 2.01 -8.48
N SER A 249 2.54 1.70 -9.72
CA SER A 249 3.91 1.85 -10.18
C SER A 249 4.07 1.45 -11.66
N PRO A 250 4.63 2.33 -12.51
CA PRO A 250 4.86 2.05 -13.89
C PRO A 250 5.70 0.80 -14.10
N TYR A 251 6.74 0.62 -13.28
CA TYR A 251 7.52 -0.59 -13.37
C TYR A 251 6.71 -1.82 -12.98
N TYR A 252 5.89 -1.71 -11.94
CA TYR A 252 5.06 -2.84 -11.54
C TYR A 252 4.11 -3.20 -12.68
N ALA A 253 3.56 -2.18 -13.34
CA ALA A 253 2.63 -2.40 -14.42
C ALA A 253 3.38 -3.18 -15.42
N GLU A 254 4.62 -2.82 -15.66
CA GLU A 254 5.34 -3.51 -16.70
C GLU A 254 5.74 -4.91 -16.25
N GLU A 255 5.94 -5.09 -14.95
CA GLU A 255 6.26 -6.41 -14.40
C GLU A 255 5.07 -7.36 -14.56
N LEU A 256 3.87 -6.82 -14.49
CA LEU A 256 2.71 -7.66 -14.65
C LEU A 256 2.53 -7.97 -16.11
N ILE A 257 2.18 -6.94 -16.90
CA ILE A 257 2.04 -7.06 -18.35
C ILE A 257 3.02 -8.08 -18.93
N SER A 258 4.19 -8.18 -18.30
CA SER A 258 5.20 -9.09 -18.79
C SER A 258 4.92 -10.53 -18.43
N GLY A 259 5.17 -10.91 -17.20
CA GLY A 259 4.98 -12.29 -16.81
C GLY A 259 5.36 -12.44 -15.37
N ILE A 260 6.32 -11.63 -14.94
CA ILE A 260 6.81 -11.59 -13.56
C ILE A 260 5.65 -11.54 -12.55
N ALA A 261 4.42 -11.50 -13.06
CA ALA A 261 3.18 -11.33 -12.26
C ALA A 261 3.00 -12.22 -11.02
N ARG A 262 4.13 -12.70 -10.49
CA ARG A 262 4.12 -13.57 -9.32
C ARG A 262 3.70 -12.82 -8.05
N GLY A 263 2.54 -13.19 -7.53
CA GLY A 263 2.11 -12.73 -6.22
C GLY A 263 2.70 -13.62 -5.14
N CYS A 264 3.76 -14.36 -5.50
CA CYS A 264 4.43 -15.29 -4.59
C CYS A 264 3.82 -16.68 -4.74
N GLU A 265 2.81 -17.00 -3.92
CA GLU A 265 2.14 -18.31 -3.99
C GLU A 265 1.56 -18.53 -5.39
N LEU A 266 0.92 -17.49 -5.92
CA LEU A 266 0.30 -17.55 -7.24
C LEU A 266 1.32 -17.24 -8.32
N ASP A 267 0.85 -17.13 -9.56
CA ASP A 267 1.67 -16.72 -10.72
C ASP A 267 0.79 -16.37 -11.91
N ASN A 268 1.16 -15.27 -12.57
CA ASN A 268 0.51 -14.74 -13.79
C ASN A 268 -0.99 -14.40 -13.64
N ILE A 269 -1.71 -15.23 -12.89
CA ILE A 269 -3.18 -15.24 -12.82
C ILE A 269 -3.84 -15.24 -14.21
N MET A 270 -3.44 -14.29 -15.06
CA MET A 270 -3.86 -14.25 -16.47
C MET A 270 -3.02 -13.29 -17.32
N ARG A 271 -3.14 -13.46 -18.63
CA ARG A 271 -2.61 -12.52 -19.60
C ARG A 271 -3.19 -11.11 -19.35
N LEU A 272 -2.61 -10.41 -18.38
CA LEU A 272 -3.03 -9.05 -18.04
C LEU A 272 -2.80 -8.03 -19.17
N THR A 273 -3.78 -7.17 -19.35
CA THR A 273 -3.93 -6.43 -20.61
C THR A 273 -3.98 -4.89 -20.46
N GLY A 274 -3.03 -4.22 -21.11
CA GLY A 274 -2.93 -2.75 -21.16
C GLY A 274 -3.07 -1.98 -19.85
N ILE A 275 -2.71 -2.65 -18.74
CA ILE A 275 -2.76 -2.04 -17.42
C ILE A 275 -1.85 -0.81 -17.34
N THR A 276 -2.16 0.06 -16.39
CA THR A 276 -1.49 1.34 -16.29
C THR A 276 -1.03 1.68 -14.84
N GLY A 277 0.24 2.01 -14.67
CA GLY A 277 0.80 2.24 -13.34
C GLY A 277 1.25 3.66 -12.99
N ILE A 278 0.70 4.20 -11.91
CA ILE A 278 1.11 5.49 -11.36
C ILE A 278 1.70 5.35 -9.96
N VAL A 279 2.96 5.76 -9.82
CA VAL A 279 3.64 5.82 -8.51
C VAL A 279 2.86 6.63 -7.49
N ASN A 280 2.67 6.03 -6.32
CA ASN A 280 2.03 6.67 -5.17
C ASN A 280 2.78 7.86 -4.64
N GLY A 281 2.04 8.78 -4.03
CA GLY A 281 2.65 9.81 -3.24
C GLY A 281 2.67 9.38 -1.80
N MET A 282 3.11 10.27 -0.92
CA MET A 282 3.21 9.95 0.49
C MET A 282 2.46 10.96 1.36
N ASP A 283 2.30 10.59 2.62
CA ASP A 283 1.62 11.44 3.60
C ASP A 283 2.70 12.32 4.20
N VAL A 284 3.00 13.43 3.53
CA VAL A 284 4.16 14.26 3.87
C VAL A 284 3.97 15.06 5.14
N SER A 285 2.75 15.05 5.67
CA SER A 285 2.45 15.74 6.92
C SER A 285 2.77 14.82 8.07
N GLU A 286 2.45 13.54 7.91
CA GLU A 286 2.66 12.57 9.00
C GLU A 286 4.12 12.24 9.14
N TRP A 287 4.83 12.23 8.02
CA TRP A 287 6.25 11.92 8.00
C TRP A 287 6.94 13.17 7.51
N ASP A 288 7.44 13.98 8.45
CA ASP A 288 8.05 15.24 8.13
C ASP A 288 9.15 15.49 9.12
N PRO A 289 10.40 15.17 8.76
CA PRO A 289 11.50 15.28 9.67
C PRO A 289 11.58 16.60 10.40
N SER A 290 11.09 17.67 9.79
CA SER A 290 11.25 18.97 10.39
C SER A 290 10.18 19.24 11.45
N LYS A 291 9.14 18.40 11.50
CA LYS A 291 7.99 18.56 12.41
C LYS A 291 7.66 17.29 13.21
N ASP A 292 8.38 16.22 12.92
CA ASP A 292 8.17 14.94 13.59
C ASP A 292 8.33 15.08 15.07
N LYS A 293 7.51 14.39 15.83
CA LYS A 293 7.63 14.54 17.26
C LYS A 293 8.12 13.30 18.03
N TYR A 294 8.35 12.18 17.35
CA TYR A 294 8.93 11.00 18.00
C TYR A 294 10.43 11.05 18.11
N ILE A 295 11.08 11.80 17.23
CA ILE A 295 12.53 11.75 17.12
C ILE A 295 13.24 12.80 17.96
N THR A 296 14.46 12.52 18.34
CA THR A 296 15.24 13.45 19.14
C THR A 296 15.51 14.77 18.43
N ALA A 297 15.89 14.73 17.15
CA ALA A 297 16.21 15.97 16.45
C ALA A 297 15.48 16.15 15.11
N LYS A 298 14.75 17.24 14.99
CA LYS A 298 14.03 17.59 13.77
C LYS A 298 14.99 18.26 12.82
N TYR A 299 14.80 18.12 11.53
CA TYR A 299 15.78 18.64 10.59
C TYR A 299 15.21 18.82 9.24
N ASP A 300 15.90 19.56 8.37
CA ASP A 300 15.62 19.53 6.93
C ASP A 300 16.89 19.06 6.22
N ALA A 301 16.98 19.32 4.92
CA ALA A 301 18.09 18.84 4.11
C ALA A 301 19.34 19.54 4.55
N THR A 302 19.18 20.75 5.03
CA THR A 302 20.33 21.60 5.26
C THR A 302 21.04 21.24 6.55
N THR A 303 20.33 20.65 7.52
CA THR A 303 20.92 20.21 8.81
C THR A 303 20.83 18.69 9.01
N ALA A 304 20.24 18.01 8.03
CA ALA A 304 20.12 16.58 8.08
C ALA A 304 21.34 15.88 8.72
N ILE A 305 22.52 16.07 8.13
CA ILE A 305 23.69 15.26 8.57
C ILE A 305 23.92 15.29 10.07
N GLU A 306 23.83 16.47 10.61
CA GLU A 306 24.25 16.61 11.96
C GLU A 306 23.15 16.22 12.94
N ALA A 307 21.88 16.33 12.52
CA ALA A 307 20.76 15.92 13.35
C ALA A 307 20.61 14.41 13.28
N LYS A 308 20.80 13.87 12.08
CA LYS A 308 20.77 12.43 11.94
C LYS A 308 21.79 11.80 12.87
N ALA A 309 22.97 12.38 13.02
CA ALA A 309 23.91 11.84 14.00
C ALA A 309 23.28 11.69 15.40
N LEU A 310 22.61 12.74 15.89
CA LEU A 310 21.97 12.73 17.20
C LEU A 310 20.87 11.72 17.25
N ASN A 311 20.06 11.67 16.20
CA ASN A 311 19.02 10.70 16.17
C ASN A 311 19.65 9.31 16.16
N LYS A 312 20.82 9.17 15.57
CA LYS A 312 21.36 7.86 15.40
C LYS A 312 21.74 7.36 16.76
N GLU A 313 22.48 8.16 17.50
CA GLU A 313 22.92 7.78 18.82
C GLU A 313 21.71 7.51 19.70
N ALA A 314 20.70 8.39 19.68
CA ALA A 314 19.47 8.14 20.42
C ALA A 314 18.96 6.74 20.12
N LEU A 315 18.84 6.43 18.83
CA LEU A 315 18.39 5.13 18.38
C LEU A 315 19.27 4.03 18.98
N GLN A 316 20.59 4.26 18.96
CA GLN A 316 21.55 3.22 19.35
C GLN A 316 21.33 2.78 20.80
N ALA A 317 21.08 3.80 21.64
CA ALA A 317 20.69 3.60 23.02
C ALA A 317 19.42 2.77 23.03
N GLU A 318 18.34 3.34 22.52
CA GLU A 318 17.06 2.67 22.52
C GLU A 318 17.15 1.21 22.09
N ALA A 319 18.11 0.86 21.26
CA ALA A 319 18.20 -0.53 20.79
C ALA A 319 19.23 -1.26 21.58
N GLY A 320 19.65 -0.65 22.68
CA GLY A 320 20.70 -1.21 23.50
C GLY A 320 21.89 -1.67 22.66
N LEU A 321 22.29 -0.87 21.69
CA LEU A 321 23.49 -1.16 20.94
C LEU A 321 24.51 -0.20 21.41
N PRO A 322 25.77 -0.46 21.08
CA PRO A 322 26.83 0.52 21.37
C PRO A 322 26.53 1.86 20.73
N VAL A 323 26.57 2.95 21.50
CA VAL A 323 26.42 4.31 20.99
C VAL A 323 27.73 4.85 20.38
N ASP A 324 27.75 5.02 19.06
CA ASP A 324 28.90 5.57 18.37
C ASP A 324 28.40 6.05 17.00
N ARG A 325 28.51 7.34 16.76
CA ARG A 325 28.03 7.88 15.49
C ARG A 325 28.88 7.44 14.29
N LYS A 326 30.11 6.99 14.56
CA LYS A 326 30.98 6.50 13.48
C LYS A 326 30.61 5.11 13.01
N ILE A 327 29.69 4.42 13.67
CA ILE A 327 29.31 3.11 13.18
C ILE A 327 28.12 3.24 12.24
N PRO A 328 28.31 2.79 10.99
CA PRO A 328 27.24 2.76 10.04
C PRO A 328 26.12 1.84 10.55
N LEU A 329 24.89 2.33 10.49
CA LEU A 329 23.77 1.52 10.87
C LEU A 329 22.81 1.28 9.74
N ILE A 330 22.61 0.00 9.42
CA ILE A 330 21.61 -0.42 8.44
C ILE A 330 20.32 -0.70 9.17
N ALA A 331 19.21 -0.43 8.47
CA ALA A 331 17.91 -0.65 9.04
C ALA A 331 17.09 -1.48 8.10
N PHE A 332 16.23 -2.33 8.68
CA PHE A 332 15.23 -3.06 7.95
C PHE A 332 13.92 -2.89 8.68
N ILE A 333 12.88 -2.52 7.95
CA ILE A 333 11.55 -2.33 8.52
C ILE A 333 10.60 -2.95 7.52
N GLY A 334 9.96 -4.02 7.93
CA GLY A 334 8.88 -4.60 7.16
C GLY A 334 8.10 -5.67 7.91
N ARG A 335 6.90 -5.96 7.41
CA ARG A 335 6.15 -7.12 7.83
C ARG A 335 7.02 -8.33 7.54
N LEU A 336 7.14 -9.22 8.50
CA LEU A 336 7.99 -10.40 8.35
C LEU A 336 7.30 -11.49 7.57
N GLU A 337 7.17 -11.27 6.26
CA GLU A 337 6.49 -12.16 5.34
C GLU A 337 7.51 -12.48 4.26
N GLU A 338 7.26 -13.49 3.45
CA GLU A 338 8.14 -13.80 2.32
C GLU A 338 8.38 -12.62 1.37
N GLN A 339 7.39 -11.75 1.16
CA GLN A 339 7.47 -10.68 0.13
C GLN A 339 8.56 -9.60 0.37
N LYS A 340 8.95 -9.50 1.63
CA LYS A 340 9.76 -8.40 2.07
C LYS A 340 11.15 -8.93 2.42
N GLY A 341 11.39 -10.18 2.07
CA GLY A 341 12.72 -10.82 2.17
C GLY A 341 13.50 -10.85 3.48
N PRO A 342 12.82 -11.02 4.60
CA PRO A 342 13.52 -11.10 5.86
C PRO A 342 14.47 -12.29 5.94
N ASP A 343 14.05 -13.44 5.43
CA ASP A 343 14.97 -14.59 5.33
C ASP A 343 16.27 -14.22 4.64
N VAL A 344 16.15 -13.54 3.50
CA VAL A 344 17.32 -13.06 2.77
C VAL A 344 18.13 -12.06 3.57
N MET A 345 17.48 -11.02 4.09
CA MET A 345 18.15 -10.14 5.01
C MET A 345 18.98 -10.94 6.06
N ALA A 346 18.34 -11.96 6.67
CA ALA A 346 18.92 -12.80 7.74
C ALA A 346 20.12 -13.58 7.26
N ALA A 347 20.02 -14.11 6.05
CA ALA A 347 21.12 -14.89 5.57
C ALA A 347 22.37 -14.02 5.38
N ALA A 348 22.17 -12.71 5.13
CA ALA A 348 23.29 -11.84 4.72
C ALA A 348 24.02 -11.29 5.93
N ILE A 349 23.37 -11.40 7.08
CA ILE A 349 23.94 -10.81 8.24
C ILE A 349 25.34 -11.37 8.58
N PRO A 350 25.49 -12.69 8.71
CA PRO A 350 26.86 -13.15 9.07
C PRO A 350 27.93 -12.48 8.19
N GLU A 351 27.66 -12.38 6.91
CA GLU A 351 28.64 -11.79 6.06
C GLU A 351 28.90 -10.36 6.51
N LEU A 352 27.86 -9.57 6.64
CA LEU A 352 28.05 -8.16 6.95
C LEU A 352 28.72 -7.96 8.29
N MET A 353 28.70 -9.00 9.10
CA MET A 353 29.25 -8.86 10.44
C MET A 353 30.78 -8.90 10.42
N GLN A 354 31.35 -9.09 9.23
CA GLN A 354 32.79 -8.95 9.01
C GLN A 354 33.16 -7.49 9.05
N GLU A 355 32.15 -6.63 8.90
CA GLU A 355 32.35 -5.21 8.94
C GLU A 355 31.99 -4.67 10.31
N ASP A 356 32.45 -3.48 10.60
CA ASP A 356 32.07 -2.80 11.81
C ASP A 356 30.78 -2.04 11.46
N VAL A 357 29.65 -2.72 11.60
CA VAL A 357 28.37 -2.14 11.24
C VAL A 357 27.30 -2.59 12.24
N GLN A 358 26.22 -1.82 12.38
CA GLN A 358 25.07 -2.22 13.20
C GLN A 358 23.84 -2.40 12.31
N ILE A 359 22.99 -3.37 12.64
CA ILE A 359 21.79 -3.66 11.83
C ILE A 359 20.64 -3.66 12.79
N VAL A 360 19.58 -2.93 12.47
CA VAL A 360 18.41 -2.89 13.35
C VAL A 360 17.22 -3.28 12.52
N LEU A 361 16.51 -4.31 12.94
CA LEU A 361 15.39 -4.78 12.16
C LEU A 361 14.09 -4.56 12.89
N LEU A 362 13.06 -4.17 12.19
CA LEU A 362 11.82 -3.94 12.86
C LEU A 362 10.72 -4.50 12.01
N GLY A 363 9.95 -5.41 12.60
CA GLY A 363 8.82 -5.92 11.92
C GLY A 363 8.19 -7.04 12.66
N THR A 364 7.04 -7.44 12.18
CA THR A 364 6.35 -8.51 12.78
C THR A 364 5.63 -9.32 11.72
N GLY A 365 5.70 -10.65 11.81
CA GLY A 365 5.09 -11.53 10.79
C GLY A 365 5.10 -12.97 11.23
N LYS A 366 5.72 -13.86 10.45
CA LYS A 366 5.76 -15.29 10.79
C LYS A 366 6.47 -15.56 12.08
N LYS A 367 6.56 -16.84 12.43
CA LYS A 367 7.43 -17.27 13.52
C LYS A 367 8.83 -17.56 12.96
N LYS A 368 8.90 -18.37 11.90
CA LYS A 368 10.20 -18.84 11.38
C LYS A 368 11.19 -17.70 11.17
N PHE A 369 10.67 -16.59 10.62
CA PHE A 369 11.41 -15.34 10.42
C PHE A 369 11.65 -14.62 11.74
N GLU A 370 10.57 -14.40 12.50
CA GLU A 370 10.77 -13.78 13.79
C GLU A 370 11.96 -14.41 14.51
N LYS A 371 12.15 -15.71 14.39
CA LYS A 371 13.23 -16.32 15.15
C LYS A 371 14.54 -16.40 14.36
N LEU A 372 14.41 -16.25 13.04
CA LEU A 372 15.55 -16.16 12.17
C LEU A 372 16.37 -14.97 12.60
N LEU A 373 15.68 -13.85 12.75
CA LEU A 373 16.32 -12.60 13.09
C LEU A 373 16.75 -12.66 14.50
N LYS A 374 15.92 -13.28 15.33
CA LYS A 374 16.15 -13.22 16.76
C LYS A 374 17.43 -13.96 17.08
N SER A 375 17.64 -15.06 16.37
CA SER A 375 18.86 -15.80 16.51
C SER A 375 20.06 -14.96 16.06
N MET A 376 19.87 -14.14 15.01
CA MET A 376 20.94 -13.21 14.53
C MET A 376 21.31 -12.18 15.58
N GLU A 377 20.33 -11.61 16.24
CA GLU A 377 20.64 -10.74 17.38
C GLU A 377 21.38 -11.54 18.43
N GLU A 378 20.93 -12.79 18.61
CA GLU A 378 21.49 -13.67 19.61
C GLU A 378 22.95 -13.90 19.35
N LYS A 379 23.34 -13.99 18.08
CA LYS A 379 24.72 -14.28 17.75
C LYS A 379 25.66 -13.10 17.80
N TYR A 380 25.19 -11.92 17.43
CA TYR A 380 26.04 -10.72 17.41
C TYR A 380 25.42 -9.64 18.24
N PRO A 381 25.44 -9.78 19.55
CA PRO A 381 24.81 -8.63 20.20
C PRO A 381 25.83 -7.52 20.14
N GLY A 382 25.45 -6.29 20.36
CA GLY A 382 26.42 -5.25 20.15
C GLY A 382 26.48 -4.82 18.69
N LYS A 383 25.90 -5.63 17.82
CA LYS A 383 25.90 -5.36 16.40
C LYS A 383 24.55 -5.56 15.75
N VAL A 384 23.69 -6.43 16.30
CA VAL A 384 22.36 -6.69 15.70
C VAL A 384 21.22 -6.64 16.69
N ARG A 385 20.18 -5.92 16.35
CA ARG A 385 19.03 -5.80 17.21
C ARG A 385 17.77 -6.06 16.38
N ALA A 386 17.03 -7.09 16.79
CA ALA A 386 15.83 -7.53 16.08
C ALA A 386 14.67 -7.14 16.90
N VAL A 387 13.87 -6.20 16.43
CA VAL A 387 12.71 -5.84 17.21
C VAL A 387 11.42 -6.32 16.58
N VAL A 388 10.56 -6.89 17.41
CA VAL A 388 9.32 -7.46 16.94
C VAL A 388 8.08 -6.80 17.57
N LYS A 389 7.55 -5.73 16.94
CA LYS A 389 6.29 -5.06 17.38
C LYS A 389 5.76 -3.95 16.46
N PHE A 390 4.62 -3.35 16.82
CA PHE A 390 4.05 -2.25 16.03
C PHE A 390 4.50 -0.94 16.65
N ASN A 391 5.82 -0.82 16.90
CA ASN A 391 6.39 0.39 17.50
C ASN A 391 6.52 1.57 16.52
N ALA A 392 5.40 2.23 16.23
CA ALA A 392 5.43 3.41 15.36
C ALA A 392 6.49 4.44 15.78
N PRO A 393 6.58 4.77 17.08
CA PRO A 393 7.64 5.68 17.51
C PRO A 393 9.02 5.23 17.07
N LEU A 394 9.27 3.95 17.10
CA LEU A 394 10.60 3.49 16.85
C LEU A 394 10.83 3.51 15.34
N ALA A 395 9.79 3.20 14.56
CA ALA A 395 9.93 3.34 13.14
C ALA A 395 10.48 4.72 12.81
N HIS A 396 9.87 5.77 13.37
CA HIS A 396 10.32 7.14 13.15
C HIS A 396 11.74 7.30 13.62
N LEU A 397 12.02 6.88 14.83
CA LEU A 397 13.35 7.01 15.29
C LEU A 397 14.28 6.31 14.33
N ILE A 398 13.89 5.14 13.83
CA ILE A 398 14.71 4.37 12.94
C ILE A 398 14.94 5.16 11.68
N MET A 399 13.87 5.74 11.16
CA MET A 399 14.01 6.46 9.91
C MET A 399 14.96 7.60 10.07
N ALA A 400 14.94 8.23 11.25
CA ALA A 400 15.74 9.40 11.45
C ALA A 400 17.20 9.04 11.62
N GLY A 401 17.51 8.03 12.42
CA GLY A 401 18.91 7.70 12.75
C GLY A 401 19.68 6.76 11.82
N ALA A 402 19.00 5.83 11.17
CA ALA A 402 19.65 4.91 10.25
C ALA A 402 20.35 5.63 9.10
N ASP A 403 21.43 5.04 8.61
CA ASP A 403 22.20 5.59 7.52
C ASP A 403 21.73 5.02 6.22
N VAL A 404 21.46 3.72 6.20
CA VAL A 404 20.86 3.09 5.04
C VAL A 404 19.68 2.27 5.46
N LEU A 405 18.71 2.22 4.59
CA LEU A 405 17.60 1.38 4.75
C LEU A 405 17.85 0.25 3.79
N ALA A 406 17.74 -0.98 4.28
CA ALA A 406 17.83 -2.16 3.40
C ALA A 406 16.44 -2.79 3.11
N VAL A 407 16.08 -2.95 1.84
CA VAL A 407 14.73 -3.32 1.44
C VAL A 407 14.84 -4.45 0.42
N PRO A 408 15.28 -5.64 0.86
CA PRO A 408 15.54 -6.74 -0.06
C PRO A 408 14.27 -7.45 -0.46
N SER A 409 13.35 -6.74 -1.11
CA SER A 409 12.05 -7.35 -1.44
C SER A 409 12.11 -8.36 -2.57
N ARG A 410 11.24 -9.36 -2.46
CA ARG A 410 11.03 -10.34 -3.53
C ARG A 410 10.15 -9.71 -4.59
N PHE A 411 9.10 -9.00 -4.13
CA PHE A 411 8.33 -8.12 -5.00
C PHE A 411 7.73 -6.91 -4.23
N GLU A 412 7.47 -5.82 -4.95
CA GLU A 412 7.17 -4.56 -4.29
C GLU A 412 6.33 -3.65 -5.18
N PRO A 413 5.00 -3.71 -5.03
CA PRO A 413 4.15 -2.93 -5.93
C PRO A 413 4.44 -1.42 -5.90
N CYS A 414 4.30 -0.78 -4.74
CA CYS A 414 4.76 0.59 -4.58
C CYS A 414 5.92 0.69 -3.61
N GLY A 415 5.62 0.52 -2.34
CA GLY A 415 6.67 0.61 -1.35
C GLY A 415 6.50 1.95 -0.71
N LEU A 416 6.41 1.93 0.61
CA LEU A 416 6.17 3.13 1.31
C LEU A 416 7.38 3.34 2.19
N ILE A 417 7.98 2.24 2.59
CA ILE A 417 9.18 2.32 3.38
C ILE A 417 10.33 3.16 2.74
N GLN A 418 10.56 3.03 1.44
CA GLN A 418 11.65 3.79 0.84
C GLN A 418 11.23 5.24 0.62
N LEU A 419 9.94 5.48 0.50
CA LEU A 419 9.56 6.86 0.33
C LEU A 419 9.77 7.52 1.67
N GLN A 420 9.36 6.83 2.72
CA GLN A 420 9.56 7.36 4.04
C GLN A 420 11.04 7.61 4.28
N GLY A 421 11.84 6.58 4.05
CA GLY A 421 13.28 6.73 4.15
C GLY A 421 13.87 7.97 3.50
N MET A 422 13.55 8.18 2.22
CA MET A 422 14.18 9.27 1.50
C MET A 422 13.67 10.57 2.07
N ARG A 423 12.44 10.57 2.50
CA ARG A 423 11.95 11.78 3.04
C ARG A 423 12.84 12.11 4.21
N TYR A 424 13.33 11.10 4.92
CA TYR A 424 14.14 11.35 6.08
C TYR A 424 15.65 11.37 5.79
N GLY A 425 15.99 11.41 4.52
CA GLY A 425 17.37 11.41 4.13
C GLY A 425 18.00 10.10 4.42
N THR A 426 17.22 9.03 4.37
CA THR A 426 17.85 7.73 4.59
C THR A 426 17.88 6.96 3.29
N PRO A 427 18.97 7.04 2.55
CA PRO A 427 18.99 6.39 1.26
C PRO A 427 18.74 4.91 1.38
N CYS A 428 18.40 4.28 0.28
CA CYS A 428 17.87 2.96 0.34
C CYS A 428 18.72 1.98 -0.46
N ALA A 429 19.08 0.85 0.11
CA ALA A 429 19.65 -0.24 -0.67
C ALA A 429 18.52 -1.23 -0.89
N CYS A 430 18.11 -1.48 -2.12
CA CYS A 430 16.84 -2.16 -2.34
C CYS A 430 16.87 -3.16 -3.47
N ALA A 431 15.91 -4.07 -3.43
CA ALA A 431 15.83 -5.05 -4.46
C ALA A 431 15.31 -4.36 -5.75
N SER A 432 15.94 -4.68 -6.87
CA SER A 432 15.57 -4.10 -8.16
C SER A 432 14.27 -4.63 -8.78
N THR A 433 13.22 -4.71 -7.95
CA THR A 433 11.89 -5.14 -8.35
C THR A 433 10.88 -4.02 -8.14
N GLY A 434 9.77 -4.08 -8.88
CA GLY A 434 8.58 -3.32 -8.56
C GLY A 434 8.84 -1.82 -8.51
N GLY A 435 8.19 -1.16 -7.54
CA GLY A 435 8.16 0.28 -7.44
C GLY A 435 9.48 0.83 -6.99
N LEU A 436 10.39 -0.02 -6.53
CA LEU A 436 11.70 0.44 -6.07
C LEU A 436 12.52 0.85 -7.29
N VAL A 437 12.18 0.29 -8.45
CA VAL A 437 12.91 0.58 -9.64
C VAL A 437 12.58 1.96 -10.13
N ASP A 438 11.32 2.36 -9.95
CA ASP A 438 10.83 3.70 -10.18
C ASP A 438 11.41 4.78 -9.25
N THR A 439 11.59 4.49 -7.97
CA THR A 439 11.74 5.55 -6.98
C THR A 439 13.14 5.64 -6.41
N VAL A 440 13.95 4.64 -6.70
CA VAL A 440 15.28 4.63 -6.13
C VAL A 440 16.35 4.67 -7.22
N ILE A 441 16.96 5.82 -7.44
CA ILE A 441 17.93 5.92 -8.51
C ILE A 441 19.38 5.70 -8.06
N GLU A 442 20.04 4.71 -8.68
CA GLU A 442 21.40 4.33 -8.32
C GLU A 442 22.28 5.55 -8.41
N GLY A 443 22.94 5.91 -7.33
CA GLY A 443 23.87 7.06 -7.41
C GLY A 443 23.29 8.38 -6.94
N LYS A 444 21.98 8.52 -7.02
CA LYS A 444 21.34 9.76 -6.62
C LYS A 444 20.58 9.58 -5.30
N THR A 445 19.78 8.53 -5.18
CA THR A 445 18.99 8.30 -3.98
C THR A 445 19.05 6.89 -3.41
N GLY A 446 20.02 6.10 -3.82
CA GLY A 446 20.13 4.78 -3.26
C GLY A 446 20.93 3.85 -4.10
N PHE A 447 20.79 2.56 -3.81
CA PHE A 447 21.57 1.53 -4.43
C PHE A 447 20.73 0.35 -4.78
N HIS A 448 20.58 0.08 -6.08
CA HIS A 448 19.95 -1.16 -6.51
C HIS A 448 20.77 -2.41 -6.17
N MET A 449 20.07 -3.51 -5.96
CA MET A 449 20.71 -4.73 -5.54
C MET A 449 20.78 -5.72 -6.70
N GLY A 450 19.88 -5.56 -7.68
CA GLY A 450 19.54 -6.57 -8.65
C GLY A 450 18.20 -7.15 -8.24
N ARG A 451 17.56 -7.91 -9.12
CA ARG A 451 16.28 -8.57 -8.79
C ARG A 451 16.52 -9.89 -8.06
N LEU A 452 15.66 -10.22 -7.09
CA LEU A 452 15.82 -11.47 -6.28
C LEU A 452 15.06 -12.63 -6.87
N SER A 453 15.45 -13.85 -6.52
CA SER A 453 14.74 -15.02 -6.99
C SER A 453 13.33 -14.85 -6.53
N VAL A 454 12.40 -15.28 -7.35
CA VAL A 454 11.00 -15.00 -7.04
C VAL A 454 10.35 -16.23 -6.41
N ASP A 455 11.12 -17.30 -6.33
CA ASP A 455 10.73 -18.50 -5.63
C ASP A 455 10.66 -18.25 -4.13
N CYS A 456 9.57 -17.64 -3.70
CA CYS A 456 9.43 -17.20 -2.32
C CYS A 456 9.89 -18.20 -1.28
N LYS A 457 9.59 -19.46 -1.51
CA LYS A 457 9.83 -20.46 -0.47
C LYS A 457 11.33 -20.72 -0.32
N VAL A 458 12.14 -20.13 -1.20
CA VAL A 458 13.59 -20.38 -1.20
C VAL A 458 14.51 -19.16 -1.00
N VAL A 459 15.75 -19.41 -0.59
CA VAL A 459 16.76 -18.36 -0.37
C VAL A 459 17.99 -18.59 -1.26
N GLU A 460 18.01 -17.93 -2.42
CA GLU A 460 19.08 -18.12 -3.39
C GLU A 460 20.43 -17.62 -2.91
N PRO A 461 21.44 -18.50 -2.96
CA PRO A 461 22.68 -18.00 -2.39
C PRO A 461 23.27 -16.84 -3.19
N SER A 462 23.02 -16.79 -4.49
CA SER A 462 23.45 -15.63 -5.28
C SER A 462 22.80 -14.35 -4.74
N ASP A 463 21.50 -14.39 -4.43
CA ASP A 463 20.86 -13.26 -3.77
C ASP A 463 21.60 -12.89 -2.49
N VAL A 464 21.72 -13.83 -1.56
CA VAL A 464 22.42 -13.55 -0.31
C VAL A 464 23.72 -12.82 -0.63
N LYS A 465 24.34 -13.17 -1.75
CA LYS A 465 25.55 -12.48 -2.17
C LYS A 465 25.36 -11.02 -2.54
N LYS A 466 24.39 -10.74 -3.42
CA LYS A 466 24.14 -9.38 -3.91
C LYS A 466 23.79 -8.47 -2.77
N VAL A 467 22.88 -8.96 -1.93
CA VAL A 467 22.39 -8.21 -0.80
C VAL A 467 23.58 -7.82 0.03
N ALA A 468 24.34 -8.81 0.44
CA ALA A 468 25.50 -8.53 1.24
C ALA A 468 26.27 -7.46 0.55
N ALA A 469 26.58 -7.72 -0.72
CA ALA A 469 27.55 -6.95 -1.46
C ALA A 469 27.09 -5.51 -1.46
N THR A 470 25.88 -5.30 -1.96
CA THR A 470 25.36 -3.95 -2.11
C THR A 470 25.44 -3.22 -0.77
N LEU A 471 24.99 -3.87 0.29
CA LEU A 471 25.02 -3.22 1.60
C LEU A 471 26.45 -2.78 1.99
N LYS A 472 27.45 -3.61 1.68
CA LYS A 472 28.82 -3.24 1.99
C LYS A 472 29.25 -1.94 1.28
N ARG A 473 28.96 -1.86 -0.02
CA ARG A 473 29.20 -0.64 -0.79
C ARG A 473 28.55 0.52 -0.04
N ALA A 474 27.24 0.45 0.12
CA ALA A 474 26.50 1.51 0.75
C ALA A 474 27.14 1.95 2.05
N ILE A 475 27.58 1.01 2.88
CA ILE A 475 28.00 1.42 4.21
C ILE A 475 29.35 2.07 4.10
N LYS A 476 30.10 1.66 3.08
CA LYS A 476 31.39 2.26 2.76
C LYS A 476 31.21 3.71 2.33
N VAL A 477 30.07 4.03 1.73
CA VAL A 477 29.81 5.38 1.26
C VAL A 477 29.50 6.30 2.43
N VAL A 478 28.97 5.71 3.48
CA VAL A 478 28.44 6.53 4.53
C VAL A 478 29.54 7.40 5.12
N GLY A 479 29.19 8.64 5.46
CA GLY A 479 30.11 9.50 6.17
C GLY A 479 31.22 10.00 5.26
N THR A 480 30.91 10.10 3.98
CA THR A 480 31.80 10.73 3.03
C THR A 480 30.96 11.80 2.35
N PRO A 481 31.62 12.85 1.85
CA PRO A 481 30.89 13.89 1.17
C PRO A 481 29.80 13.34 0.27
N ALA A 482 30.08 12.37 -0.58
CA ALA A 482 29.11 11.97 -1.58
C ALA A 482 27.85 11.51 -0.92
N TYR A 483 28.02 10.71 0.14
CA TYR A 483 26.89 10.29 0.99
C TYR A 483 25.98 11.48 1.38
N GLU A 484 26.53 12.54 1.96
CA GLU A 484 25.71 13.72 2.30
C GLU A 484 24.98 14.30 1.10
N GLU A 485 25.58 14.19 -0.08
CA GLU A 485 24.88 14.67 -1.28
C GLU A 485 23.73 13.77 -1.54
N MET A 486 23.96 12.48 -1.34
CA MET A 486 22.94 11.52 -1.60
C MET A 486 21.75 11.80 -0.70
N VAL A 487 22.01 12.00 0.58
CA VAL A 487 20.97 12.38 1.56
C VAL A 487 20.14 13.57 1.11
N ARG A 488 20.86 14.58 0.63
CA ARG A 488 20.27 15.82 0.19
C ARG A 488 19.35 15.54 -0.96
N ASN A 489 19.82 14.76 -1.93
CA ASN A 489 18.94 14.36 -3.03
C ASN A 489 17.65 13.73 -2.59
N CYS A 490 17.77 12.70 -1.74
CA CYS A 490 16.65 12.08 -1.08
C CYS A 490 15.66 13.08 -0.46
N MET A 491 16.17 14.10 0.25
CA MET A 491 15.26 15.06 0.91
C MET A 491 14.63 16.06 -0.01
N ASN A 492 15.32 16.38 -1.11
CA ASN A 492 14.87 17.43 -1.99
C ASN A 492 13.83 17.03 -3.00
N GLN A 493 13.26 15.85 -2.90
CA GLN A 493 12.28 15.48 -3.88
C GLN A 493 10.96 15.90 -3.37
N ASP A 494 10.00 15.99 -4.27
CA ASP A 494 8.65 16.17 -3.87
C ASP A 494 8.07 14.79 -3.84
N LEU A 495 7.63 14.36 -2.67
CA LEU A 495 7.01 13.05 -2.54
C LEU A 495 5.61 13.23 -2.01
N SER A 496 5.07 14.42 -2.25
CA SER A 496 3.65 14.69 -2.02
C SER A 496 2.77 14.00 -3.07
N TRP A 497 1.46 14.16 -2.92
CA TRP A 497 0.54 13.65 -3.90
C TRP A 497 0.26 14.65 -5.02
N LYS A 498 0.89 15.81 -4.98
CA LYS A 498 0.63 16.80 -6.02
C LYS A 498 0.92 16.25 -7.42
N GLY A 499 2.08 15.65 -7.62
CA GLY A 499 2.49 15.15 -8.95
C GLY A 499 1.74 13.91 -9.39
N PRO A 500 1.69 12.89 -8.51
CA PRO A 500 0.81 11.77 -8.66
C PRO A 500 -0.61 12.11 -9.07
N ALA A 501 -1.26 12.98 -8.31
CA ALA A 501 -2.68 13.31 -8.52
C ALA A 501 -2.98 13.88 -9.92
N LYS A 502 -1.99 14.52 -10.52
CA LYS A 502 -2.11 15.03 -11.86
C LYS A 502 -2.06 13.86 -12.85
N ASN A 503 -1.27 12.83 -12.52
CA ASN A 503 -1.22 11.64 -13.36
C ASN A 503 -2.50 10.82 -13.30
N TRP A 504 -3.07 10.74 -12.10
CA TRP A 504 -4.28 10.00 -11.92
C TRP A 504 -5.38 10.66 -12.72
N GLU A 505 -5.53 11.96 -12.54
CA GLU A 505 -6.59 12.63 -13.24
C GLU A 505 -6.42 12.48 -14.76
N ASN A 506 -5.20 12.62 -15.25
CA ASN A 506 -4.93 12.41 -16.65
C ASN A 506 -5.43 11.07 -17.15
N VAL A 507 -5.64 10.13 -16.24
CA VAL A 507 -6.11 8.80 -16.60
C VAL A 507 -7.61 8.79 -16.53
N LEU A 508 -8.12 9.26 -15.40
CA LEU A 508 -9.55 9.42 -15.24
C LEU A 508 -10.18 10.28 -16.34
N LEU A 509 -9.37 11.09 -17.02
CA LEU A 509 -9.82 11.81 -18.21
C LEU A 509 -10.17 10.81 -19.31
N GLY A 510 -9.16 10.04 -19.75
CA GLY A 510 -9.33 9.03 -20.79
C GLY A 510 -10.70 8.42 -20.78
N LEU A 511 -11.27 8.26 -19.59
CA LEU A 511 -12.54 7.55 -19.40
C LEU A 511 -13.81 8.30 -19.85
N GLY A 512 -13.64 9.35 -20.66
CA GLY A 512 -14.77 10.06 -21.31
C GLY A 512 -15.73 10.86 -20.43
N VAL A 513 -16.07 10.33 -19.24
CA VAL A 513 -17.01 10.97 -18.30
C VAL A 513 -16.44 12.26 -17.65
PB ADP B . 1.42 -3.63 1.41
O1B ADP B . 1.77 -4.33 0.10
O2B ADP B . 0.76 -2.28 1.20
O3B ADP B . 0.66 -4.50 2.41
PA ADP B . 3.09 -2.32 3.38
O1A ADP B . 3.20 -0.89 2.84
O2A ADP B . 2.04 -2.68 4.40
O3A ADP B . 2.87 -3.33 2.12
O5' ADP B . 4.53 -2.70 4.02
C5' ADP B . 4.95 -2.24 5.33
C4' ADP B . 4.43 -0.82 5.71
O4' ADP B . 3.79 -0.78 7.00
C3' ADP B . 5.52 0.26 5.74
O3' ADP B . 5.11 1.37 4.92
C2' ADP B . 5.71 0.65 7.22
O2' ADP B . 5.71 2.07 7.45
C1' ADP B . 4.59 -0.06 7.98
N9 ADP B . 5.07 -1.02 9.04
C8 ADP B . 5.44 -2.31 8.83
N7 ADP B . 5.84 -2.94 9.97
C5 ADP B . 5.71 -2.03 10.96
C6 ADP B . 5.95 -2.04 12.44
N6 ADP B . 6.40 -3.16 13.04
N1 ADP B . 5.69 -0.90 13.14
C2 ADP B . 5.23 0.21 12.52
N3 ADP B . 5.00 0.29 11.19
C4 ADP B . 5.21 -0.77 10.37
S SO4 C . -6.61 -14.30 -0.89
O1 SO4 C . -5.87 -14.27 -2.14
O2 SO4 C . -5.91 -15.09 0.11
O3 SO4 C . -6.71 -12.94 -0.41
O4 SO4 C . -7.93 -14.86 -1.10
S SO4 D . 11.83 -7.38 21.38
O1 SO4 D . 12.56 -8.31 22.25
O2 SO4 D . 12.79 -6.63 20.53
O3 SO4 D . 10.87 -8.09 20.52
O4 SO4 D . 11.05 -6.45 22.21
S SO4 E . -23.19 4.86 17.36
O1 SO4 E . -21.91 5.56 17.38
O2 SO4 E . -23.01 3.51 17.93
O3 SO4 E . -24.16 5.58 18.19
O4 SO4 E . -23.68 4.80 15.98
#